data_7DEU
#
_entry.id   7DEU
#
_cell.length_a   84.600
_cell.length_b   84.600
_cell.length_c   158.109
_cell.angle_alpha   90.000
_cell.angle_beta   90.000
_cell.angle_gamma   90.000
#
_symmetry.space_group_name_H-M   'P 43 21 2'
#
loop_
_entity.id
_entity.type
_entity.pdbx_description
1 polymer 'Spike protein S1'
2 polymer 'antibody scFv'
3 non-polymer 2-acetamido-2-deoxy-beta-D-glucopyranose
4 water water
#
loop_
_entity_poly.entity_id
_entity_poly.type
_entity_poly.pdbx_seq_one_letter_code
_entity_poly.pdbx_strand_id
1 'polypeptide(L)'
;NLCPFGEVFNATRFASVYAWNRKRISNCVADYSVLYNSASFSTFKCYGVSPTKLNDLCFTNVYADSFVIRGDEVRQIAPG
QTGKIADYNYKLPDDFTGCVIAWNSNNLDSKVGGNYNYLYRLFRKSNLKPFERDISTEIYQAGSTPCNGVEGFNCYFPLQ
SYGFQPTNGVGYQPYRVVVLSFELLHAPATVCGPKKSAAAHHHHHH
;
A
2 'polypeptide(L)'
;EVQLQQSGPELVKPGASVKISCKTSGYTFTEYTMHWVKQSHGKSLEWIGGINPNNGDNTYNQKLKGKATLTVHKSSSTAY
MELRSLTSEDSAVYYCARDGYPYYYALDYWGQGTSVTVSSGGGGSGGGGSGGGGSDIVMTQSQKFMSTSVGDRVSVTCKA
SQNVGTNVAWYQQKPGQSPKPLIYSASSRYSGVPDRFTGSGSGTDFTLTISNVQSEDLAEYFCQQYNNYPWTFGGGTKLE
IKAAAHHHHHHHH
;
B
#
loop_
_chem_comp.id
_chem_comp.type
_chem_comp.name
_chem_comp.formula
NAG D-saccharide, beta linking 2-acetamido-2-deoxy-beta-D-glucopyranose 'C8 H15 N O6'
#
# COMPACT_ATOMS: atom_id res chain seq x y z
N ASN A 1 29.55 0.63 38.78
CA ASN A 1 30.03 -0.55 39.47
C ASN A 1 29.63 -1.83 38.72
N LEU A 2 28.33 -2.10 38.64
CA LEU A 2 27.81 -3.28 37.97
C LEU A 2 26.71 -2.88 37.00
N CYS A 3 26.76 -3.45 35.79
CA CYS A 3 25.78 -3.09 34.76
C CYS A 3 24.41 -3.67 35.10
N PRO A 4 23.34 -2.86 35.09
CA PRO A 4 22.01 -3.30 35.53
C PRO A 4 21.24 -4.08 34.47
N PHE A 5 21.65 -5.34 34.23
CA PHE A 5 20.96 -6.11 33.22
C PHE A 5 19.64 -6.66 33.74
N GLY A 6 19.58 -7.06 35.01
CA GLY A 6 18.31 -7.45 35.57
C GLY A 6 17.23 -6.41 35.39
N GLU A 7 17.61 -5.13 35.40
CA GLU A 7 16.67 -4.06 35.12
C GLU A 7 16.02 -4.24 33.74
N VAL A 8 16.80 -4.70 32.77
CA VAL A 8 16.31 -4.88 31.40
C VAL A 8 15.65 -6.24 31.22
N PHE A 9 16.34 -7.32 31.61
CA PHE A 9 15.85 -8.65 31.30
C PHE A 9 14.66 -9.04 32.15
N ASN A 10 14.57 -8.48 33.36
CA ASN A 10 13.60 -8.92 34.34
C ASN A 10 12.50 -7.88 34.56
N ALA A 11 12.37 -6.93 33.65
CA ALA A 11 11.31 -5.92 33.76
C ALA A 11 9.94 -6.59 33.70
N THR A 12 8.96 -5.97 34.36
CA THR A 12 7.62 -6.54 34.41
C THR A 12 6.89 -6.38 33.08
N ARG A 13 6.87 -5.15 32.56
CA ARG A 13 6.29 -4.85 31.26
C ARG A 13 7.39 -4.76 30.22
N PHE A 14 7.10 -5.21 29.02
CA PHE A 14 7.99 -5.03 27.88
C PHE A 14 7.30 -4.12 26.86
N ALA A 15 8.11 -3.41 26.07
CA ALA A 15 7.57 -2.55 25.02
C ALA A 15 6.96 -3.39 23.90
N SER A 16 5.99 -2.80 23.21
CA SER A 16 5.61 -3.30 21.89
C SER A 16 6.76 -3.07 20.92
N VAL A 17 6.86 -3.94 19.91
CA VAL A 17 8.01 -3.87 19.00
C VAL A 17 8.04 -2.56 18.23
N TYR A 18 6.86 -2.04 17.84
CA TYR A 18 6.87 -0.81 17.06
C TYR A 18 7.40 0.35 17.89
N ALA A 19 7.26 0.26 19.21
CA ALA A 19 7.71 1.29 20.15
C ALA A 19 8.87 0.79 21.01
N TRP A 20 9.78 0.03 20.40
CA TRP A 20 10.77 -0.72 21.16
C TRP A 20 11.55 0.19 22.09
N ASN A 21 11.91 -0.36 23.24
CA ASN A 21 12.56 0.43 24.28
C ASN A 21 14.07 0.24 24.21
N ARG A 22 14.80 1.33 24.41
CA ARG A 22 16.25 1.32 24.49
C ARG A 22 16.69 1.78 25.88
N LYS A 23 17.51 0.97 26.55
CA LYS A 23 18.22 1.37 27.76
C LYS A 23 19.69 1.53 27.41
N ARG A 24 20.23 2.74 27.62
CA ARG A 24 21.66 2.93 27.47
C ARG A 24 22.39 2.39 28.70
N ILE A 25 23.56 1.80 28.48
CA ILE A 25 24.31 1.14 29.53
C ILE A 25 25.76 1.58 29.44
N SER A 26 26.23 2.33 30.44
CA SER A 26 27.57 2.88 30.43
C SER A 26 28.12 2.92 31.85
N ASN A 27 29.43 3.11 31.94
CA ASN A 27 30.16 3.25 33.21
C ASN A 27 29.78 2.15 34.19
N CYS A 28 30.09 0.93 33.80
CA CYS A 28 29.78 -0.23 34.63
C CYS A 28 30.49 -1.45 34.05
N VAL A 29 30.45 -2.53 34.80
CA VAL A 29 31.08 -3.79 34.46
C VAL A 29 30.08 -4.90 34.74
N ALA A 30 29.96 -5.85 33.81
CA ALA A 30 29.12 -7.00 34.08
C ALA A 30 29.71 -8.21 33.39
N ASP A 31 29.39 -9.38 33.92
CA ASP A 31 29.81 -10.63 33.32
C ASP A 31 28.74 -11.04 32.32
N TYR A 32 29.15 -11.22 31.07
CA TYR A 32 28.21 -11.67 30.05
C TYR A 32 27.96 -13.16 30.13
N SER A 33 28.96 -13.94 30.59
CA SER A 33 28.73 -15.37 30.78
C SER A 33 27.67 -15.63 31.86
N VAL A 34 27.43 -14.67 32.75
CA VAL A 34 26.24 -14.72 33.60
C VAL A 34 25.01 -14.90 32.72
N LEU A 35 24.91 -14.11 31.66
CA LEU A 35 23.77 -14.18 30.76
C LEU A 35 23.82 -15.41 29.86
N TYR A 36 24.97 -15.68 29.21
CA TYR A 36 25.02 -16.81 28.28
C TYR A 36 24.75 -18.12 29.00
N ASN A 37 25.25 -18.25 30.23
CA ASN A 37 25.00 -19.43 31.03
C ASN A 37 23.75 -19.27 31.90
N SER A 38 22.86 -18.35 31.55
CA SER A 38 21.56 -18.31 32.21
C SER A 38 20.65 -19.36 31.57
N ALA A 39 19.39 -19.36 31.96
CA ALA A 39 18.52 -20.48 31.67
C ALA A 39 17.34 -20.03 30.82
N SER A 40 16.89 -20.95 29.97
CA SER A 40 15.65 -20.82 29.21
C SER A 40 15.69 -19.69 28.19
N PHE A 41 16.88 -19.29 27.74
CA PHE A 41 17.00 -18.44 26.55
C PHE A 41 16.92 -19.35 25.33
N SER A 42 15.82 -19.28 24.60
CA SER A 42 15.65 -20.13 23.42
C SER A 42 16.46 -19.63 22.22
N THR A 43 16.86 -18.36 22.21
CA THR A 43 17.76 -17.84 21.20
C THR A 43 18.83 -17.05 21.91
N PHE A 44 20.09 -17.30 21.56
CA PHE A 44 21.20 -16.46 22.04
C PHE A 44 22.22 -16.42 20.89
N LYS A 45 22.03 -15.48 19.97
CA LYS A 45 22.83 -15.42 18.76
C LYS A 45 23.63 -14.14 18.76
N CYS A 46 24.94 -14.25 18.48
CA CYS A 46 25.80 -13.09 18.46
C CYS A 46 26.43 -12.91 17.08
N TYR A 47 26.83 -11.68 16.81
CA TYR A 47 27.26 -11.25 15.48
C TYR A 47 28.46 -10.34 15.66
N GLY A 48 29.57 -10.68 14.99
CA GLY A 48 30.79 -9.91 15.14
C GLY A 48 31.46 -10.08 16.48
N VAL A 49 30.90 -10.90 17.36
CA VAL A 49 31.30 -10.99 18.76
C VAL A 49 30.92 -12.39 19.23
N SER A 50 31.70 -12.92 20.14
CA SER A 50 31.39 -14.18 20.78
C SER A 50 30.96 -13.92 22.22
N PRO A 51 29.99 -14.69 22.75
CA PRO A 51 29.56 -14.42 24.15
C PRO A 51 30.70 -14.51 25.13
N THR A 52 31.58 -15.50 24.96
CA THR A 52 32.64 -15.70 25.94
C THR A 52 33.66 -14.58 25.88
N LYS A 53 33.92 -14.07 24.68
CA LYS A 53 34.90 -12.98 24.50
C LYS A 53 34.43 -11.61 25.03
N LEU A 54 33.13 -11.40 25.25
CA LEU A 54 32.62 -10.13 25.72
C LEU A 54 33.23 -9.75 27.06
N ASN A 55 33.67 -10.74 27.84
CA ASN A 55 34.33 -10.46 29.10
C ASN A 55 35.69 -9.82 28.92
N ASP A 56 36.35 -10.03 27.77
CA ASP A 56 37.68 -9.49 27.52
C ASP A 56 37.66 -8.17 26.77
N LEU A 57 36.50 -7.55 26.56
CA LEU A 57 36.39 -6.39 25.69
C LEU A 57 35.82 -5.18 26.43
N CYS A 58 36.07 -4.00 25.86
CA CYS A 58 35.53 -2.76 26.37
C CYS A 58 34.88 -1.99 25.24
N PHE A 59 33.72 -1.40 25.52
CA PHE A 59 32.98 -0.66 24.51
C PHE A 59 32.65 0.74 25.01
N THR A 60 32.63 1.68 24.07
CA THR A 60 32.27 3.06 24.39
C THR A 60 30.86 3.13 24.94
N ASN A 61 29.90 2.52 24.23
CA ASN A 61 28.54 2.46 24.69
C ASN A 61 27.90 1.13 24.31
N VAL A 62 26.96 0.71 25.15
CA VAL A 62 26.20 -0.52 24.99
C VAL A 62 24.74 -0.17 25.17
N TYR A 63 23.92 -0.48 24.17
CA TYR A 63 22.47 -0.27 24.26
C TYR A 63 21.78 -1.61 24.39
N ALA A 64 20.73 -1.64 25.21
CA ALA A 64 19.91 -2.82 25.39
C ALA A 64 18.51 -2.47 24.90
N ASP A 65 18.10 -3.04 23.77
CA ASP A 65 16.77 -2.78 23.20
C ASP A 65 15.86 -3.95 23.51
N SER A 66 14.62 -3.67 23.94
CA SER A 66 13.75 -4.77 24.33
C SER A 66 12.33 -4.54 23.85
N PHE A 67 11.65 -5.65 23.57
CA PHE A 67 10.32 -5.64 22.98
C PHE A 67 9.82 -7.07 22.93
N VAL A 68 8.56 -7.21 22.53
CA VAL A 68 7.90 -8.50 22.38
C VAL A 68 7.41 -8.65 20.96
N ILE A 69 7.61 -9.85 20.38
CA ILE A 69 7.13 -10.22 19.06
C ILE A 69 6.61 -11.64 19.13
N ARG A 70 6.23 -12.16 17.98
CA ARG A 70 5.75 -13.52 17.83
C ARG A 70 6.94 -14.46 17.72
N GLY A 71 6.75 -15.72 18.09
CA GLY A 71 7.82 -16.70 18.02
C GLY A 71 8.40 -16.87 16.63
N ASP A 72 7.54 -16.95 15.61
CA ASP A 72 8.09 -17.17 14.27
C ASP A 72 8.75 -15.93 13.69
N GLU A 73 8.76 -14.82 14.41
CA GLU A 73 9.40 -13.61 13.93
C GLU A 73 10.75 -13.37 14.58
N VAL A 74 11.15 -14.19 15.56
CA VAL A 74 12.43 -13.93 16.21
C VAL A 74 13.56 -14.01 15.20
N ARG A 75 13.39 -14.82 14.17
CA ARG A 75 14.39 -14.96 13.08
C ARG A 75 14.57 -13.65 12.31
N GLN A 76 13.58 -12.77 12.32
CA GLN A 76 13.77 -11.48 11.65
C GLN A 76 14.64 -10.52 12.44
N ILE A 77 14.89 -10.82 13.71
CA ILE A 77 15.72 -9.93 14.52
C ILE A 77 17.16 -10.38 14.31
N ALA A 78 17.72 -10.06 13.15
CA ALA A 78 19.05 -10.50 12.75
C ALA A 78 19.48 -9.64 11.57
N PRO A 79 20.78 -9.41 11.39
CA PRO A 79 21.24 -8.65 10.22
C PRO A 79 20.83 -9.33 8.93
N GLY A 80 20.34 -8.51 7.98
CA GLY A 80 20.03 -8.99 6.65
C GLY A 80 18.65 -9.60 6.46
N GLN A 81 17.78 -9.50 7.45
CA GLN A 81 16.49 -10.17 7.35
C GLN A 81 15.44 -9.25 6.77
N THR A 82 14.40 -9.84 6.20
CA THR A 82 13.26 -9.08 5.70
C THR A 82 11.97 -9.67 6.27
N GLY A 83 10.89 -8.91 6.13
CA GLY A 83 9.61 -9.25 6.71
C GLY A 83 9.02 -8.06 7.43
N LYS A 84 7.80 -8.27 7.93
CA LYS A 84 7.07 -7.15 8.53
C LYS A 84 7.83 -6.57 9.72
N ILE A 85 8.47 -7.41 10.53
CA ILE A 85 9.15 -6.90 11.73
C ILE A 85 10.43 -6.17 11.35
N ALA A 86 11.32 -6.82 10.58
CA ALA A 86 12.55 -6.17 10.15
C ALA A 86 12.28 -4.93 9.29
N ASP A 87 11.29 -4.99 8.39
CA ASP A 87 11.10 -3.87 7.48
C ASP A 87 10.48 -2.67 8.18
N TYR A 88 9.49 -2.90 9.03
CA TYR A 88 8.63 -1.83 9.55
C TYR A 88 8.74 -1.56 11.04
N ASN A 89 9.44 -2.39 11.81
CA ASN A 89 9.32 -2.30 13.27
C ASN A 89 10.65 -2.16 13.99
N TYR A 90 11.58 -3.08 13.73
CA TYR A 90 12.89 -3.03 14.38
C TYR A 90 13.91 -3.61 13.42
N LYS A 91 14.88 -2.79 12.99
CA LYS A 91 15.81 -3.15 11.92
C LYS A 91 17.24 -3.12 12.44
N LEU A 92 17.94 -4.29 12.34
CA LEU A 92 19.38 -4.29 12.60
C LEU A 92 20.17 -3.99 11.34
N PRO A 93 21.30 -3.31 11.45
CA PRO A 93 22.12 -3.06 10.27
C PRO A 93 22.77 -4.35 9.77
N ASP A 94 23.17 -4.35 8.50
CA ASP A 94 23.77 -5.54 7.90
C ASP A 94 25.04 -5.95 8.64
N ASP A 95 25.82 -4.97 9.09
CA ASP A 95 27.08 -5.24 9.79
C ASP A 95 26.92 -5.16 11.31
N PHE A 96 25.76 -5.57 11.82
CA PHE A 96 25.46 -5.54 13.26
C PHE A 96 26.57 -6.21 14.07
N THR A 97 26.93 -5.57 15.18
CA THR A 97 27.82 -6.17 16.18
C THR A 97 27.09 -6.17 17.52
N GLY A 98 26.70 -7.35 17.98
CA GLY A 98 25.99 -7.47 19.23
C GLY A 98 25.40 -8.86 19.32
N CYS A 99 24.46 -9.02 20.26
CA CYS A 99 23.82 -10.30 20.51
C CYS A 99 22.31 -10.12 20.50
N VAL A 100 21.62 -11.18 20.12
CA VAL A 100 20.16 -11.18 20.10
C VAL A 100 19.70 -12.27 21.04
N ILE A 101 18.94 -11.90 22.06
CA ILE A 101 18.51 -12.83 23.11
C ILE A 101 16.99 -12.86 23.15
N ALA A 102 16.41 -14.06 23.10
CA ALA A 102 14.97 -14.20 23.14
C ALA A 102 14.56 -15.36 24.03
N TRP A 103 13.37 -15.27 24.60
CA TRP A 103 12.79 -16.40 25.29
C TRP A 103 11.29 -16.35 25.22
N ASN A 104 10.68 -17.53 25.16
CA ASN A 104 9.23 -17.66 25.16
C ASN A 104 8.68 -17.03 26.42
N SER A 105 7.72 -16.12 26.26
CA SER A 105 7.09 -15.45 27.38
C SER A 105 5.59 -15.73 27.43
N ASN A 106 5.18 -16.90 26.93
CA ASN A 106 3.75 -17.21 26.76
C ASN A 106 2.95 -16.91 28.01
N ASN A 107 3.31 -17.55 29.14
CA ASN A 107 2.51 -17.38 30.33
C ASN A 107 2.87 -16.14 31.14
N LEU A 108 3.46 -15.13 30.52
CA LEU A 108 3.48 -13.78 31.09
C LEU A 108 2.77 -12.76 30.22
N ASP A 109 2.70 -12.99 28.91
CA ASP A 109 2.23 -11.97 27.97
C ASP A 109 1.03 -12.41 27.15
N SER A 110 0.45 -13.57 27.45
CA SER A 110 -0.80 -13.97 26.83
C SER A 110 -1.96 -13.79 27.81
N LYS A 111 -3.16 -14.20 27.39
CA LYS A 111 -4.38 -13.98 28.17
C LYS A 111 -5.37 -15.10 27.86
N VAL A 112 -6.60 -14.94 28.36
CA VAL A 112 -7.61 -16.01 28.35
C VAL A 112 -8.06 -16.32 26.92
N GLY A 113 -8.83 -15.42 26.32
CA GLY A 113 -9.17 -15.48 24.91
C GLY A 113 -8.26 -14.67 24.02
N GLY A 114 -7.16 -14.17 24.55
CA GLY A 114 -6.21 -13.41 23.77
C GLY A 114 -5.76 -12.13 24.43
N ASN A 115 -4.45 -11.94 24.51
CA ASN A 115 -3.88 -10.66 24.89
C ASN A 115 -3.72 -9.81 23.64
N TYR A 116 -4.36 -8.64 23.65
CA TYR A 116 -4.25 -7.67 22.58
C TYR A 116 -3.68 -6.37 23.13
N ASN A 117 -2.57 -6.46 23.85
CA ASN A 117 -1.89 -5.25 24.32
C ASN A 117 -0.57 -5.00 23.59
N TYR A 118 -0.07 -5.97 22.86
CA TYR A 118 1.17 -5.82 22.12
C TYR A 118 0.82 -5.62 20.64
N LEU A 119 1.46 -4.62 20.03
CA LEU A 119 1.13 -4.21 18.68
C LEU A 119 2.36 -4.33 17.79
N TYR A 120 2.12 -4.42 16.48
CA TYR A 120 3.20 -4.29 15.51
C TYR A 120 2.70 -3.49 14.32
N ARG A 121 3.64 -2.85 13.63
CA ARG A 121 3.31 -2.05 12.47
C ARG A 121 3.26 -2.96 11.25
N LEU A 122 2.11 -2.97 10.57
CA LEU A 122 1.89 -3.78 9.38
C LEU A 122 2.10 -3.00 8.08
N PHE A 123 2.06 -1.68 8.09
CA PHE A 123 2.16 -0.87 6.89
C PHE A 123 3.13 0.28 7.10
N ARG A 124 3.87 0.60 6.05
CA ARG A 124 4.77 1.74 6.11
C ARG A 124 5.21 2.11 4.69
N LYS A 125 5.37 3.41 4.46
CA LYS A 125 5.71 3.89 3.12
C LYS A 125 7.10 3.44 2.69
N SER A 126 8.02 3.31 3.63
CA SER A 126 9.34 2.81 3.30
C SER A 126 9.87 2.00 4.47
N ASN A 127 10.95 1.25 4.22
CA ASN A 127 11.54 0.42 5.27
C ASN A 127 12.30 1.27 6.28
N LEU A 128 12.39 0.76 7.50
CA LEU A 128 13.15 1.45 8.54
C LEU A 128 14.64 1.42 8.22
N LYS A 129 15.32 2.52 8.54
CA LYS A 129 16.77 2.51 8.64
C LYS A 129 17.16 1.75 9.90
N PRO A 130 18.38 1.22 9.95
CA PRO A 130 18.79 0.46 11.14
C PRO A 130 18.68 1.29 12.42
N PHE A 131 18.09 0.68 13.44
CA PHE A 131 17.83 1.29 14.74
C PHE A 131 16.93 2.51 14.62
N GLU A 132 16.14 2.61 13.56
CA GLU A 132 15.09 3.62 13.48
C GLU A 132 13.86 3.15 14.24
N ARG A 133 13.10 4.12 14.75
CA ARG A 133 11.91 3.84 15.52
C ARG A 133 10.78 4.71 14.97
N ASP A 134 9.61 4.10 14.74
CA ASP A 134 8.45 4.83 14.24
C ASP A 134 7.29 4.56 15.19
N ILE A 135 6.84 5.58 15.91
CA ILE A 135 5.71 5.42 16.81
C ILE A 135 4.44 6.11 16.29
N SER A 136 4.45 6.57 15.04
CA SER A 136 3.30 7.29 14.52
C SER A 136 2.11 6.35 14.28
N THR A 137 0.91 6.94 14.23
CA THR A 137 -0.29 6.17 13.93
C THR A 137 -1.09 6.81 12.81
N GLU A 138 -0.43 7.46 11.86
CA GLU A 138 -1.15 8.04 10.73
C GLU A 138 -1.79 6.94 9.89
N ILE A 139 -2.98 7.23 9.34
CA ILE A 139 -3.63 6.26 8.48
C ILE A 139 -2.76 6.04 7.25
N TYR A 140 -2.62 4.77 6.85
CA TYR A 140 -1.73 4.39 5.75
C TYR A 140 -2.52 4.36 4.45
N GLN A 141 -2.00 5.05 3.44
CA GLN A 141 -2.66 5.17 2.14
C GLN A 141 -2.16 4.05 1.22
N ALA A 142 -3.05 3.15 0.82
CA ALA A 142 -2.64 2.03 -0.01
C ALA A 142 -2.95 2.23 -1.49
N GLY A 143 -3.73 3.26 -1.84
CA GLY A 143 -4.07 3.51 -3.23
C GLY A 143 -3.90 4.96 -3.57
N SER A 144 -4.41 5.40 -4.74
CA SER A 144 -4.17 6.77 -5.18
C SER A 144 -4.95 7.80 -4.38
N THR A 145 -6.05 7.40 -3.75
CA THR A 145 -6.97 8.34 -3.08
C THR A 145 -6.47 8.63 -1.65
N PRO A 146 -6.38 9.90 -1.27
CA PRO A 146 -5.87 10.22 0.08
C PRO A 146 -6.87 9.87 1.17
N CYS A 147 -6.34 9.64 2.37
CA CYS A 147 -7.18 9.13 3.45
C CYS A 147 -7.74 10.23 4.32
N ASN A 148 -7.04 11.36 4.43
CA ASN A 148 -7.49 12.47 5.27
C ASN A 148 -7.76 12.03 6.69
N GLY A 149 -6.95 11.08 7.17
CA GLY A 149 -7.03 10.61 8.54
C GLY A 149 -8.22 9.74 8.87
N VAL A 150 -8.92 9.20 7.88
CA VAL A 150 -10.11 8.39 8.09
C VAL A 150 -9.81 6.96 7.64
N GLU A 151 -10.08 5.98 8.51
CA GLU A 151 -9.96 4.58 8.13
C GLU A 151 -11.05 4.20 7.14
N GLY A 152 -10.69 3.42 6.15
CA GLY A 152 -11.65 3.00 5.14
C GLY A 152 -10.99 2.14 4.09
N PHE A 153 -11.66 1.98 2.96
CA PHE A 153 -11.09 1.25 1.84
C PHE A 153 -9.72 1.83 1.48
N ASN A 154 -8.70 0.96 1.49
CA ASN A 154 -7.32 1.35 1.15
C ASN A 154 -6.77 2.44 2.08
N CYS A 155 -7.30 2.55 3.29
CA CYS A 155 -6.86 3.55 4.26
C CYS A 155 -6.83 2.84 5.61
N TYR A 156 -5.65 2.41 6.05
CA TYR A 156 -5.53 1.44 7.13
C TYR A 156 -4.82 2.05 8.34
N PHE A 157 -5.38 1.80 9.51
CA PHE A 157 -4.63 2.02 10.73
C PHE A 157 -3.36 1.19 10.64
N PRO A 158 -2.18 1.75 10.91
CA PRO A 158 -0.97 1.04 10.50
C PRO A 158 -0.52 -0.02 11.47
N LEU A 159 -1.04 -0.03 12.69
CA LEU A 159 -0.65 -1.05 13.64
C LEU A 159 -1.67 -2.17 13.67
N GLN A 160 -1.18 -3.36 13.91
CA GLN A 160 -2.01 -4.54 14.06
C GLN A 160 -1.74 -5.16 15.43
N SER A 161 -2.74 -5.88 15.94
CA SER A 161 -2.69 -6.46 17.27
C SER A 161 -2.18 -7.88 17.21
N TYR A 162 -1.34 -8.25 18.18
CA TYR A 162 -0.95 -9.63 18.31
C TYR A 162 -2.07 -10.44 18.94
N GLY A 163 -2.27 -11.64 18.41
CA GLY A 163 -3.27 -12.57 18.90
C GLY A 163 -2.70 -13.61 19.84
N PHE A 164 -2.18 -13.14 20.97
CA PHE A 164 -1.43 -13.96 21.94
C PHE A 164 -2.40 -14.72 22.84
N GLN A 165 -2.62 -15.99 22.53
CA GLN A 165 -3.35 -16.91 23.40
C GLN A 165 -2.52 -18.13 23.71
N PRO A 166 -2.58 -18.63 24.96
CA PRO A 166 -2.28 -20.04 25.18
C PRO A 166 -3.24 -20.86 24.32
N THR A 167 -2.72 -21.97 23.79
CA THR A 167 -3.29 -22.89 22.81
C THR A 167 -3.01 -22.45 21.37
N ASN A 168 -2.45 -21.26 21.16
CA ASN A 168 -1.82 -20.94 19.89
C ASN A 168 -0.71 -21.95 19.62
N GLY A 169 -0.36 -22.11 18.35
CA GLY A 169 0.92 -22.72 18.06
C GLY A 169 2.02 -21.98 18.81
N VAL A 170 3.14 -22.65 19.07
CA VAL A 170 4.18 -21.97 19.82
C VAL A 170 4.84 -20.89 18.97
N GLY A 171 4.77 -21.03 17.65
CA GLY A 171 5.23 -19.96 16.77
C GLY A 171 4.41 -18.69 16.90
N TYR A 172 3.19 -18.78 17.43
CA TYR A 172 2.34 -17.61 17.61
C TYR A 172 2.39 -17.05 19.03
N GLN A 173 3.06 -17.74 19.94
CA GLN A 173 3.13 -17.26 21.31
C GLN A 173 4.10 -16.10 21.43
N PRO A 174 3.94 -15.26 22.45
CA PRO A 174 4.84 -14.12 22.60
C PRO A 174 6.21 -14.57 23.06
N TYR A 175 7.25 -13.89 22.53
CA TYR A 175 8.62 -14.02 23.01
C TYR A 175 9.12 -12.64 23.40
N ARG A 176 9.78 -12.55 24.55
CA ARG A 176 10.50 -11.32 24.86
C ARG A 176 11.88 -11.38 24.21
N VAL A 177 12.36 -10.21 23.81
CA VAL A 177 13.59 -10.10 23.05
C VAL A 177 14.43 -8.98 23.66
N VAL A 178 15.71 -9.23 23.84
CA VAL A 178 16.66 -8.19 24.19
C VAL A 178 17.77 -8.23 23.17
N VAL A 179 18.12 -7.07 22.64
CA VAL A 179 19.20 -6.90 21.68
C VAL A 179 20.27 -6.03 22.31
N LEU A 180 21.45 -6.59 22.54
CA LEU A 180 22.60 -5.83 23.00
C LEU A 180 23.41 -5.41 21.79
N SER A 181 23.73 -4.12 21.68
CA SER A 181 24.62 -3.66 20.63
C SER A 181 25.83 -2.95 21.24
N PHE A 182 27.00 -3.20 20.66
CA PHE A 182 28.26 -2.72 21.20
C PHE A 182 28.92 -1.80 20.19
N GLU A 183 29.37 -0.64 20.67
CA GLU A 183 30.03 0.35 19.82
C GLU A 183 31.34 0.78 20.46
N LEU A 184 32.42 0.68 19.69
CA LEU A 184 33.75 1.12 20.11
C LEU A 184 34.07 2.38 19.31
N LEU A 185 33.96 3.55 19.96
CA LEU A 185 34.19 4.83 19.34
C LEU A 185 35.50 5.42 19.87
N HIS A 186 35.82 6.64 19.40
CA HIS A 186 37.06 7.31 19.81
C HIS A 186 37.09 7.61 21.30
N ALA A 187 35.94 7.91 21.90
CA ALA A 187 35.81 8.29 23.30
C ALA A 187 36.24 7.17 24.24
N PRO A 188 36.38 7.41 25.54
CA PRO A 188 36.77 6.33 26.45
C PRO A 188 35.73 5.23 26.55
N ALA A 189 36.20 3.99 26.63
CA ALA A 189 35.34 2.82 26.76
C ALA A 189 35.05 2.56 28.22
N THR A 190 33.77 2.59 28.59
CA THR A 190 33.37 2.50 29.99
C THR A 190 32.54 1.26 30.33
N VAL A 191 32.27 0.39 29.37
CA VAL A 191 31.53 -0.85 29.62
C VAL A 191 32.44 -2.01 29.24
N CYS A 192 32.87 -2.78 30.24
CA CYS A 192 33.99 -3.71 30.03
C CYS A 192 33.69 -5.14 30.46
N GLY A 193 33.39 -5.35 31.74
CA GLY A 193 33.30 -6.71 32.24
C GLY A 193 34.61 -7.18 32.84
N PRO A 194 34.55 -8.21 33.70
CA PRO A 194 35.67 -8.69 34.52
C PRO A 194 36.93 -9.05 33.72
N GLU B 1 6.25 -6.88 -18.76
CA GLU B 1 5.19 -6.32 -19.61
C GLU B 1 3.82 -6.61 -18.99
N VAL B 2 3.20 -5.57 -18.45
CA VAL B 2 1.90 -5.73 -17.78
C VAL B 2 0.81 -5.99 -18.80
N GLN B 3 -0.11 -6.89 -18.47
CA GLN B 3 -1.24 -7.18 -19.33
C GLN B 3 -2.44 -7.50 -18.48
N LEU B 4 -3.59 -6.92 -18.84
CA LEU B 4 -4.86 -7.27 -18.22
C LEU B 4 -5.76 -7.84 -19.32
N GLN B 5 -5.96 -9.13 -19.28
CA GLN B 5 -6.74 -9.83 -20.31
C GLN B 5 -8.14 -10.11 -19.77
N GLN B 6 -9.14 -9.48 -20.34
CA GLN B 6 -10.49 -9.72 -19.81
C GLN B 6 -11.16 -10.81 -20.62
N SER B 7 -12.27 -11.33 -20.10
CA SER B 7 -13.06 -12.38 -20.76
C SER B 7 -13.90 -11.80 -21.90
N GLY B 8 -14.51 -12.68 -22.70
CA GLY B 8 -15.20 -12.28 -23.90
C GLY B 8 -16.62 -11.81 -23.70
N PRO B 9 -17.25 -11.36 -24.78
CA PRO B 9 -18.56 -10.70 -24.69
C PRO B 9 -19.65 -11.62 -24.13
N GLU B 10 -20.71 -10.98 -23.63
CA GLU B 10 -21.84 -11.67 -23.03
C GLU B 10 -23.13 -11.06 -23.55
N LEU B 11 -24.11 -11.93 -23.84
CA LEU B 11 -25.46 -11.51 -24.18
C LEU B 11 -26.42 -12.23 -23.25
N VAL B 12 -27.23 -11.44 -22.54
CA VAL B 12 -28.12 -11.93 -21.50
C VAL B 12 -29.44 -11.21 -21.67
N LYS B 13 -30.43 -11.59 -20.88
CA LYS B 13 -31.71 -10.91 -20.89
C LYS B 13 -32.07 -10.52 -19.47
N PRO B 14 -33.00 -9.56 -19.29
CA PRO B 14 -33.25 -9.01 -17.97
C PRO B 14 -33.42 -10.07 -16.89
N GLY B 15 -32.95 -9.74 -15.69
CA GLY B 15 -33.09 -10.59 -14.55
C GLY B 15 -31.93 -11.54 -14.30
N ALA B 16 -31.13 -11.82 -15.31
CA ALA B 16 -30.06 -12.79 -15.11
C ALA B 16 -28.80 -12.08 -14.61
N SER B 17 -27.69 -12.81 -14.58
CA SER B 17 -26.46 -12.34 -13.97
C SER B 17 -25.27 -12.77 -14.80
N VAL B 18 -24.19 -11.99 -14.70
CA VAL B 18 -22.99 -12.19 -15.48
C VAL B 18 -21.79 -12.14 -14.54
N LYS B 19 -20.78 -12.92 -14.84
CA LYS B 19 -19.52 -12.86 -14.11
C LYS B 19 -18.41 -12.75 -15.14
N ILE B 20 -17.58 -11.73 -15.01
CA ILE B 20 -16.50 -11.53 -15.98
C ILE B 20 -15.19 -11.49 -15.22
N SER B 21 -14.12 -11.86 -15.91
CA SER B 21 -12.82 -12.03 -15.30
C SER B 21 -11.81 -11.09 -15.94
N CYS B 22 -10.69 -10.95 -15.24
CA CYS B 22 -9.61 -10.04 -15.66
C CYS B 22 -8.32 -10.71 -15.22
N LYS B 23 -7.65 -11.38 -16.14
CA LYS B 23 -6.43 -12.12 -15.81
C LYS B 23 -5.21 -11.23 -16.01
N THR B 24 -4.39 -11.13 -14.99
CA THR B 24 -3.26 -10.21 -15.00
C THR B 24 -1.94 -10.98 -15.08
N SER B 25 -0.93 -10.30 -15.60
CA SER B 25 0.41 -10.85 -15.73
C SER B 25 1.36 -9.69 -15.96
N GLY B 26 2.64 -9.95 -15.75
CA GLY B 26 3.65 -8.94 -15.90
C GLY B 26 4.01 -8.23 -14.62
N TYR B 27 3.34 -8.53 -13.52
CA TYR B 27 3.59 -7.87 -12.25
C TYR B 27 3.00 -8.71 -11.14
N THR B 28 3.42 -8.40 -9.91
CA THR B 28 2.92 -9.08 -8.72
C THR B 28 1.49 -8.63 -8.44
N PHE B 29 0.54 -9.57 -8.59
CA PHE B 29 -0.88 -9.24 -8.56
C PHE B 29 -1.29 -8.56 -7.26
N THR B 30 -0.79 -9.05 -6.14
CA THR B 30 -1.25 -8.56 -4.83
C THR B 30 -0.71 -7.19 -4.48
N GLU B 31 0.17 -6.60 -5.29
CA GLU B 31 0.77 -5.33 -4.91
C GLU B 31 0.03 -4.11 -5.45
N TYR B 32 -1.04 -4.29 -6.24
CA TYR B 32 -1.73 -3.14 -6.82
C TYR B 32 -3.23 -3.36 -6.75
N THR B 33 -3.95 -2.30 -6.39
CA THR B 33 -5.40 -2.36 -6.32
C THR B 33 -6.01 -2.35 -7.72
N MET B 34 -7.08 -3.13 -7.90
CA MET B 34 -7.78 -3.22 -9.18
C MET B 34 -9.11 -2.50 -9.08
N HIS B 35 -9.45 -1.75 -10.13
CA HIS B 35 -10.70 -1.02 -10.21
C HIS B 35 -11.49 -1.49 -11.43
N TRP B 36 -12.81 -1.26 -11.39
CA TRP B 36 -13.69 -1.56 -12.51
C TRP B 36 -14.43 -0.31 -12.93
N VAL B 37 -14.56 -0.13 -14.25
CA VAL B 37 -15.15 1.06 -14.84
C VAL B 37 -16.11 0.61 -15.94
N LYS B 38 -17.27 1.25 -15.99
CA LYS B 38 -18.32 0.95 -16.95
C LYS B 38 -18.40 2.07 -17.99
N GLN B 39 -18.64 1.71 -19.25
CA GLN B 39 -18.86 2.67 -20.33
C GLN B 39 -20.05 2.23 -21.17
N SER B 40 -21.15 2.97 -21.08
CA SER B 40 -22.30 2.72 -21.92
C SER B 40 -22.03 3.26 -23.32
N HIS B 41 -22.56 2.57 -24.34
CA HIS B 41 -22.26 2.89 -25.74
C HIS B 41 -22.45 4.38 -25.99
N GLY B 42 -21.39 5.02 -26.51
CA GLY B 42 -21.35 6.46 -26.72
C GLY B 42 -21.29 7.31 -25.46
N LYS B 43 -21.52 6.72 -24.28
CA LYS B 43 -21.68 7.47 -23.05
C LYS B 43 -20.34 7.61 -22.34
N SER B 44 -20.35 8.09 -21.09
CA SER B 44 -19.09 8.36 -20.42
C SER B 44 -18.70 7.22 -19.49
N LEU B 45 -17.55 7.39 -18.86
CA LEU B 45 -17.01 6.38 -17.95
C LEU B 45 -17.65 6.53 -16.59
N GLU B 46 -17.98 5.38 -15.98
CA GLU B 46 -18.48 5.36 -14.61
C GLU B 46 -17.70 4.35 -13.80
N TRP B 47 -17.24 4.78 -12.62
CA TRP B 47 -16.48 3.91 -11.75
C TRP B 47 -17.41 2.98 -10.99
N ILE B 48 -17.08 1.70 -10.98
CA ILE B 48 -17.91 0.71 -10.31
C ILE B 48 -17.44 0.47 -8.89
N GLY B 49 -16.15 0.27 -8.73
CA GLY B 49 -15.62 -0.05 -7.43
C GLY B 49 -14.20 -0.55 -7.58
N GLY B 50 -13.63 -0.91 -6.43
CA GLY B 50 -12.25 -1.35 -6.38
C GLY B 50 -12.10 -2.47 -5.37
N ILE B 51 -10.96 -3.16 -5.50
CA ILE B 51 -10.63 -4.25 -4.60
C ILE B 51 -9.12 -4.31 -4.46
N ASN B 52 -8.66 -4.41 -3.21
CA ASN B 52 -7.26 -4.62 -2.90
C ASN B 52 -7.04 -6.13 -2.91
N PRO B 53 -6.25 -6.67 -3.84
CA PRO B 53 -6.17 -8.13 -3.96
C PRO B 53 -5.37 -8.77 -2.84
N ASN B 54 -4.53 -8.00 -2.15
CA ASN B 54 -3.72 -8.57 -1.10
C ASN B 54 -4.54 -8.95 0.13
N ASN B 55 -5.61 -8.18 0.43
CA ASN B 55 -6.43 -8.47 1.60
C ASN B 55 -7.91 -8.61 1.30
N GLY B 56 -8.33 -8.51 0.04
CA GLY B 56 -9.73 -8.68 -0.27
C GLY B 56 -10.63 -7.50 0.06
N ASP B 57 -10.09 -6.41 0.60
CA ASP B 57 -10.87 -5.22 0.91
C ASP B 57 -11.48 -4.63 -0.37
N ASN B 58 -12.74 -4.17 -0.30
CA ASN B 58 -13.41 -3.67 -1.50
C ASN B 58 -14.30 -2.48 -1.19
N THR B 59 -14.67 -1.76 -2.24
CA THR B 59 -15.58 -0.62 -2.13
C THR B 59 -16.34 -0.48 -3.44
N TYR B 60 -17.52 0.16 -3.36
CA TYR B 60 -18.42 0.23 -4.50
C TYR B 60 -19.06 1.60 -4.63
N ASN B 61 -19.33 1.99 -5.87
CA ASN B 61 -20.13 3.16 -6.17
C ASN B 61 -21.60 2.89 -5.80
N GLN B 62 -22.18 3.71 -4.93
CA GLN B 62 -23.56 3.50 -4.52
C GLN B 62 -24.56 3.63 -5.67
N LYS B 63 -24.14 4.21 -6.79
CA LYS B 63 -25.01 4.28 -7.97
C LYS B 63 -25.42 2.89 -8.42
N LEU B 64 -24.52 1.91 -8.29
CA LEU B 64 -24.80 0.55 -8.73
C LEU B 64 -25.80 -0.16 -7.83
N LYS B 65 -26.19 0.46 -6.70
CA LYS B 65 -27.20 -0.04 -5.78
C LYS B 65 -26.97 -1.50 -5.40
N GLY B 66 -25.69 -1.87 -5.28
CA GLY B 66 -25.33 -3.18 -4.76
C GLY B 66 -25.31 -4.31 -5.77
N LYS B 67 -25.48 -4.04 -7.05
CA LYS B 67 -25.62 -5.12 -8.01
C LYS B 67 -24.29 -5.71 -8.46
N ALA B 68 -23.16 -5.07 -8.14
CA ALA B 68 -21.86 -5.62 -8.45
C ALA B 68 -21.22 -6.21 -7.21
N THR B 69 -20.44 -7.27 -7.41
CA THR B 69 -19.56 -7.74 -6.35
C THR B 69 -18.22 -8.06 -6.97
N LEU B 70 -17.16 -7.59 -6.32
CA LEU B 70 -15.79 -7.82 -6.74
C LEU B 70 -15.16 -8.90 -5.88
N THR B 71 -14.39 -9.78 -6.53
CA THR B 71 -13.59 -10.79 -5.86
C THR B 71 -12.23 -10.88 -6.54
N VAL B 72 -11.29 -11.58 -5.91
CA VAL B 72 -10.03 -11.93 -6.56
C VAL B 72 -9.71 -13.39 -6.27
N HIS B 73 -8.81 -13.94 -7.10
CA HIS B 73 -8.25 -15.27 -6.92
C HIS B 73 -6.72 -15.08 -6.97
N LYS B 74 -6.09 -15.04 -5.80
CA LYS B 74 -4.66 -14.71 -5.77
C LYS B 74 -3.85 -15.71 -6.58
N SER B 75 -4.25 -17.00 -6.55
CA SER B 75 -3.47 -18.05 -7.20
C SER B 75 -3.35 -17.80 -8.68
N SER B 76 -4.48 -17.60 -9.37
CA SER B 76 -4.49 -17.37 -10.80
C SER B 76 -4.26 -15.91 -11.18
N SER B 77 -3.96 -15.04 -10.21
CA SER B 77 -3.76 -13.62 -10.47
C SER B 77 -4.92 -13.02 -11.26
N THR B 78 -6.14 -13.33 -10.83
CA THR B 78 -7.32 -12.98 -11.60
C THR B 78 -8.33 -12.23 -10.73
N ALA B 79 -8.93 -11.19 -11.31
CA ALA B 79 -10.00 -10.47 -10.64
C ALA B 79 -11.33 -10.75 -11.34
N TYR B 80 -12.39 -10.80 -10.56
CA TYR B 80 -13.71 -11.10 -11.06
C TYR B 80 -14.68 -9.98 -10.69
N MET B 81 -15.63 -9.74 -11.58
CA MET B 81 -16.76 -8.89 -11.29
C MET B 81 -18.02 -9.61 -11.68
N GLU B 82 -18.95 -9.74 -10.73
CA GLU B 82 -20.24 -10.35 -10.98
C GLU B 82 -21.32 -9.29 -10.89
N LEU B 83 -22.16 -9.22 -11.91
CA LEU B 83 -23.30 -8.30 -11.96
C LEU B 83 -24.58 -9.13 -11.88
N ARG B 84 -25.50 -8.70 -11.03
CA ARG B 84 -26.74 -9.43 -10.84
C ARG B 84 -27.93 -8.56 -11.21
N SER B 85 -29.07 -9.22 -11.44
CA SER B 85 -30.33 -8.57 -11.80
C SER B 85 -30.17 -7.58 -12.96
N LEU B 86 -29.48 -8.03 -14.00
CA LEU B 86 -29.18 -7.15 -15.13
C LEU B 86 -30.45 -6.62 -15.77
N THR B 87 -30.40 -5.36 -16.19
CA THR B 87 -31.48 -4.70 -16.90
C THR B 87 -30.92 -4.06 -18.16
N SER B 88 -31.83 -3.46 -18.93
CA SER B 88 -31.48 -2.71 -20.13
C SER B 88 -30.33 -1.74 -19.87
N GLU B 89 -30.41 -1.00 -18.77
CA GLU B 89 -29.46 0.05 -18.46
C GLU B 89 -28.07 -0.47 -18.11
N ASP B 90 -27.86 -1.78 -18.01
CA ASP B 90 -26.57 -2.35 -17.66
C ASP B 90 -25.74 -2.76 -18.87
N SER B 91 -26.31 -2.67 -20.07
CA SER B 91 -25.53 -2.92 -21.28
C SER B 91 -24.44 -1.86 -21.41
N ALA B 92 -23.20 -2.30 -21.54
CA ALA B 92 -22.08 -1.39 -21.51
C ALA B 92 -20.84 -2.22 -21.78
N VAL B 93 -19.73 -1.54 -22.05
CA VAL B 93 -18.42 -2.16 -22.00
C VAL B 93 -17.89 -2.01 -20.58
N TYR B 94 -17.37 -3.09 -20.01
CA TYR B 94 -16.88 -3.10 -18.64
C TYR B 94 -15.37 -3.31 -18.67
N TYR B 95 -14.63 -2.42 -18.01
CA TYR B 95 -13.18 -2.50 -17.97
C TYR B 95 -12.68 -2.86 -16.58
N CYS B 96 -11.64 -3.67 -16.50
CA CYS B 96 -10.82 -3.69 -15.30
C CYS B 96 -9.63 -2.78 -15.54
N ALA B 97 -9.08 -2.23 -14.46
CA ALA B 97 -7.92 -1.35 -14.58
C ALA B 97 -7.18 -1.28 -13.26
N ARG B 98 -5.88 -1.05 -13.35
CA ARG B 98 -4.98 -1.13 -12.21
C ARG B 98 -4.66 0.26 -11.67
N ASP B 99 -4.84 0.44 -10.36
CA ASP B 99 -4.32 1.63 -9.69
C ASP B 99 -2.81 1.47 -9.57
N GLY B 100 -2.07 2.36 -10.21
CA GLY B 100 -0.63 2.30 -10.21
C GLY B 100 0.08 2.86 -9.01
N TYR B 101 -0.67 3.37 -8.02
CA TYR B 101 -0.06 3.86 -6.79
C TYR B 101 0.90 2.82 -6.23
N PRO B 102 2.07 3.23 -5.71
CA PRO B 102 2.56 4.60 -5.51
C PRO B 102 3.44 5.17 -6.64
N TYR B 103 3.46 4.53 -7.81
CA TYR B 103 4.37 4.97 -8.86
C TYR B 103 3.68 5.92 -9.83
N TYR B 104 2.76 5.42 -10.63
CA TYR B 104 1.94 6.24 -11.50
C TYR B 104 0.53 6.21 -10.92
N TYR B 105 0.05 7.36 -10.45
CA TYR B 105 -1.24 7.38 -9.79
C TYR B 105 -2.37 7.15 -10.78
N ALA B 106 -3.54 6.81 -10.24
CA ALA B 106 -4.76 6.54 -10.98
C ALA B 106 -4.53 5.29 -11.83
N LEU B 107 -5.19 5.19 -12.99
CA LEU B 107 -5.36 3.90 -13.65
C LEU B 107 -4.33 3.76 -14.77
N ASP B 108 -3.18 3.14 -14.45
CA ASP B 108 -2.06 3.15 -15.39
C ASP B 108 -2.11 2.01 -16.40
N TYR B 109 -2.85 0.95 -16.14
CA TYR B 109 -3.05 -0.10 -17.12
C TYR B 109 -4.51 -0.52 -17.10
N TRP B 110 -5.02 -0.84 -18.28
CA TRP B 110 -6.43 -1.17 -18.48
C TRP B 110 -6.53 -2.48 -19.25
N GLY B 111 -7.55 -3.27 -18.94
CA GLY B 111 -7.91 -4.38 -19.80
C GLY B 111 -8.53 -3.90 -21.11
N GLN B 112 -8.78 -4.86 -22.01
CA GLN B 112 -9.31 -4.50 -23.32
C GLN B 112 -10.80 -4.28 -23.30
N GLY B 113 -11.47 -4.57 -22.20
CA GLY B 113 -12.88 -4.31 -22.14
C GLY B 113 -13.70 -5.56 -22.43
N THR B 114 -14.86 -5.64 -21.80
CA THR B 114 -15.76 -6.77 -21.99
C THR B 114 -17.15 -6.24 -22.26
N SER B 115 -17.67 -6.53 -23.45
CA SER B 115 -19.00 -6.08 -23.79
C SER B 115 -20.03 -6.96 -23.11
N VAL B 116 -20.99 -6.34 -22.44
CA VAL B 116 -22.12 -7.03 -21.85
C VAL B 116 -23.38 -6.39 -22.40
N THR B 117 -24.18 -7.17 -23.12
CA THR B 117 -25.44 -6.71 -23.67
C THR B 117 -26.60 -7.48 -23.06
N VAL B 118 -27.69 -6.77 -22.78
CA VAL B 118 -28.94 -7.40 -22.38
C VAL B 118 -30.02 -7.07 -23.41
N GLY B 131 -28.89 11.14 -11.53
CA GLY B 131 -28.50 11.83 -10.31
C GLY B 131 -27.52 11.00 -9.51
N GLY B 132 -26.78 11.66 -8.61
CA GLY B 132 -25.81 10.97 -7.78
C GLY B 132 -25.95 11.37 -6.31
N GLY B 133 -25.03 10.81 -5.53
CA GLY B 133 -24.98 11.21 -4.13
C GLY B 133 -24.63 12.67 -4.00
N GLY B 134 -25.24 13.34 -3.02
CA GLY B 134 -25.07 14.78 -2.87
C GLY B 134 -23.64 15.22 -2.61
N SER B 135 -22.81 14.34 -2.05
CA SER B 135 -21.43 14.70 -1.84
C SER B 135 -20.52 14.17 -2.93
N ASP B 136 -21.06 13.52 -3.97
CA ASP B 136 -20.23 13.05 -5.06
C ASP B 136 -19.63 14.25 -5.79
N ILE B 137 -18.37 14.13 -6.21
CA ILE B 137 -17.76 15.19 -7.02
C ILE B 137 -18.18 15.02 -8.48
N VAL B 138 -18.69 16.09 -9.09
CA VAL B 138 -19.03 16.11 -10.50
C VAL B 138 -17.87 16.72 -11.29
N MET B 139 -17.39 16.03 -12.33
CA MET B 139 -16.36 16.55 -13.24
C MET B 139 -17.04 16.94 -14.55
N THR B 140 -16.98 18.21 -14.91
CA THR B 140 -17.73 18.73 -16.04
C THR B 140 -16.79 19.06 -17.20
N GLN B 141 -17.02 18.41 -18.34
CA GLN B 141 -16.31 18.77 -19.57
C GLN B 141 -17.37 19.42 -20.44
N SER B 142 -17.38 20.75 -20.47
CA SER B 142 -18.51 21.44 -21.06
C SER B 142 -18.51 21.33 -22.58
N GLN B 143 -17.40 20.95 -23.19
CA GLN B 143 -17.30 20.76 -24.63
C GLN B 143 -17.37 19.27 -24.94
N LYS B 144 -18.33 18.88 -25.77
CA LYS B 144 -18.43 17.50 -26.18
C LYS B 144 -17.71 17.21 -27.50
N PHE B 145 -17.49 18.24 -28.32
CA PHE B 145 -16.86 18.06 -29.63
C PHE B 145 -16.11 19.33 -30.00
N MET B 146 -14.86 19.16 -30.44
CA MET B 146 -14.04 20.25 -30.94
C MET B 146 -13.44 19.82 -32.27
N SER B 147 -13.44 20.73 -33.25
CA SER B 147 -12.73 20.53 -34.50
C SER B 147 -11.59 21.52 -34.59
N THR B 148 -10.38 21.02 -34.90
CA THR B 148 -9.22 21.86 -35.15
C THR B 148 -8.49 21.34 -36.37
N SER B 149 -7.42 22.04 -36.71
CA SER B 149 -6.55 21.71 -37.84
C SER B 149 -5.25 21.11 -37.33
N VAL B 150 -4.64 20.25 -38.16
CA VAL B 150 -3.34 19.68 -37.83
C VAL B 150 -2.38 20.81 -37.52
N GLY B 151 -1.55 20.61 -36.49
CA GLY B 151 -0.60 21.63 -36.07
C GLY B 151 -1.11 22.60 -35.02
N ASP B 152 -2.43 22.73 -34.86
CA ASP B 152 -3.00 23.63 -33.86
C ASP B 152 -2.53 23.29 -32.45
N ARG B 153 -2.80 24.21 -31.55
CA ARG B 153 -2.65 24.02 -30.10
C ARG B 153 -4.07 23.89 -29.57
N VAL B 154 -4.34 22.81 -28.88
CA VAL B 154 -5.69 22.44 -28.42
C VAL B 154 -5.77 22.47 -26.89
N SER B 155 -6.84 23.05 -26.36
CA SER B 155 -7.08 23.09 -24.90
C SER B 155 -8.39 22.37 -24.60
N VAL B 156 -8.32 21.33 -23.78
CA VAL B 156 -9.53 20.60 -23.31
C VAL B 156 -9.73 20.97 -21.83
N THR B 157 -10.85 21.55 -21.50
CA THR B 157 -11.09 21.98 -20.12
C THR B 157 -11.92 20.96 -19.34
N CYS B 158 -11.76 21.00 -18.05
CA CYS B 158 -12.46 20.10 -17.11
C CYS B 158 -12.61 20.82 -15.77
N LYS B 159 -13.82 20.93 -15.27
CA LYS B 159 -14.08 21.64 -14.01
C LYS B 159 -14.64 20.68 -12.96
N ALA B 160 -14.13 20.79 -11.74
CA ALA B 160 -14.56 19.94 -10.65
C ALA B 160 -15.53 20.71 -9.78
N SER B 161 -16.57 20.03 -9.31
CA SER B 161 -17.59 20.71 -8.55
C SER B 161 -17.15 21.00 -7.11
N GLN B 162 -16.06 20.39 -6.65
CA GLN B 162 -15.47 20.63 -5.34
C GLN B 162 -13.98 20.64 -5.52
N ASN B 163 -13.25 21.18 -4.56
CA ASN B 163 -11.81 21.22 -4.68
C ASN B 163 -11.26 19.79 -4.67
N VAL B 164 -10.46 19.46 -5.67
CA VAL B 164 -9.86 18.14 -5.74
C VAL B 164 -8.34 18.23 -5.72
N GLY B 165 -7.80 19.39 -5.35
CA GLY B 165 -6.35 19.55 -5.32
C GLY B 165 -5.74 19.35 -6.68
N THR B 166 -4.74 18.48 -6.76
CA THR B 166 -4.21 18.06 -8.05
C THR B 166 -4.41 16.57 -8.28
N ASN B 167 -5.45 15.98 -7.68
CA ASN B 167 -5.66 14.54 -7.84
C ASN B 167 -6.58 14.30 -9.04
N VAL B 168 -6.03 14.61 -10.22
CA VAL B 168 -6.78 14.60 -11.48
C VAL B 168 -5.95 13.85 -12.52
N ALA B 169 -6.63 12.97 -13.27
CA ALA B 169 -6.02 12.20 -14.35
C ALA B 169 -6.74 12.50 -15.65
N TRP B 170 -6.03 12.34 -16.77
CA TRP B 170 -6.61 12.47 -18.10
C TRP B 170 -6.35 11.20 -18.90
N TYR B 171 -7.34 10.77 -19.67
CA TYR B 171 -7.18 9.61 -20.54
C TYR B 171 -7.62 9.93 -21.95
N GLN B 172 -7.08 9.16 -22.88
CA GLN B 172 -7.35 9.26 -24.32
C GLN B 172 -7.96 7.96 -24.79
N GLN B 173 -9.05 8.05 -25.56
CA GLN B 173 -9.71 6.84 -26.03
C GLN B 173 -10.06 6.97 -27.52
N LYS B 174 -9.61 6.02 -28.31
CA LYS B 174 -9.97 5.86 -29.71
C LYS B 174 -11.01 4.75 -29.84
N PRO B 175 -11.87 4.79 -30.86
CA PRO B 175 -13.00 3.84 -30.88
C PRO B 175 -12.50 2.40 -30.87
N GLY B 176 -13.21 1.57 -30.11
CA GLY B 176 -12.84 0.17 -29.99
C GLY B 176 -11.66 -0.13 -29.10
N GLN B 177 -11.16 0.86 -28.37
CA GLN B 177 -10.00 0.65 -27.51
C GLN B 177 -10.33 1.08 -26.09
N SER B 178 -9.59 0.55 -25.15
CA SER B 178 -9.65 1.03 -23.79
C SER B 178 -9.01 2.42 -23.69
N PRO B 179 -9.33 3.17 -22.63
CA PRO B 179 -8.69 4.46 -22.43
C PRO B 179 -7.19 4.28 -22.23
N LYS B 180 -6.42 5.22 -22.78
CA LYS B 180 -4.97 5.25 -22.64
C LYS B 180 -4.62 6.34 -21.62
N PRO B 181 -3.86 6.02 -20.57
CA PRO B 181 -3.53 7.06 -19.58
C PRO B 181 -2.53 8.05 -20.13
N LEU B 182 -2.85 9.33 -19.97
CA LEU B 182 -2.01 10.43 -20.44
C LEU B 182 -1.34 11.19 -19.31
N ILE B 183 -2.13 11.63 -18.32
CA ILE B 183 -1.71 12.59 -17.31
C ILE B 183 -2.25 12.13 -15.96
N TYR B 184 -1.41 12.21 -14.93
CA TYR B 184 -1.88 12.02 -13.56
C TYR B 184 -1.32 13.15 -12.71
N SER B 185 -1.83 13.25 -11.50
CA SER B 185 -1.45 14.34 -10.60
C SER B 185 -1.53 15.69 -11.30
N ALA B 186 -2.55 15.83 -12.15
CA ALA B 186 -2.89 17.06 -12.88
C ALA B 186 -1.87 17.41 -13.97
N SER B 187 -0.57 17.11 -13.77
CA SER B 187 0.41 17.62 -14.71
C SER B 187 1.55 16.65 -15.02
N SER B 188 1.53 15.42 -14.52
CA SER B 188 2.59 14.47 -14.83
C SER B 188 2.14 13.55 -15.96
N ARG B 189 3.07 13.20 -16.85
CA ARG B 189 2.76 12.26 -17.93
C ARG B 189 3.05 10.83 -17.50
N TYR B 190 2.19 9.91 -17.92
CA TYR B 190 2.51 8.50 -17.74
C TYR B 190 3.69 8.12 -18.64
N SER B 191 4.16 6.89 -18.48
CA SER B 191 5.28 6.38 -19.25
C SER B 191 4.98 6.42 -20.75
N GLY B 192 5.95 6.91 -21.52
CA GLY B 192 5.84 6.87 -22.96
C GLY B 192 4.91 7.87 -23.57
N VAL B 193 4.38 8.81 -22.81
CA VAL B 193 3.42 9.78 -23.33
C VAL B 193 4.18 10.96 -23.91
N PRO B 194 3.91 11.34 -25.17
CA PRO B 194 4.69 12.42 -25.81
C PRO B 194 4.63 13.72 -25.02
N ASP B 195 5.68 14.55 -25.23
CA ASP B 195 5.77 15.87 -24.62
C ASP B 195 4.73 16.85 -25.12
N ARG B 196 4.05 16.55 -26.23
CA ARG B 196 3.01 17.46 -26.72
C ARG B 196 1.87 17.58 -25.73
N PHE B 197 1.67 16.57 -24.90
CA PHE B 197 0.56 16.54 -23.95
C PHE B 197 0.99 17.16 -22.64
N THR B 198 0.29 18.20 -22.21
CA THR B 198 0.54 18.72 -20.86
C THR B 198 -0.78 19.00 -20.15
N GLY B 199 -0.75 18.86 -18.84
CA GLY B 199 -1.92 19.12 -18.02
C GLY B 199 -1.56 20.21 -17.05
N SER B 200 -2.56 21.01 -16.69
CA SER B 200 -2.33 22.06 -15.70
C SER B 200 -3.60 22.24 -14.90
N GLY B 201 -3.50 23.03 -13.83
CA GLY B 201 -4.65 23.31 -12.99
C GLY B 201 -4.49 22.76 -11.59
N SER B 202 -5.27 23.28 -10.65
CA SER B 202 -5.32 22.81 -9.28
C SER B 202 -6.54 23.41 -8.62
N GLY B 203 -7.17 22.64 -7.74
CA GLY B 203 -8.40 23.12 -7.13
C GLY B 203 -9.59 22.60 -7.91
N THR B 204 -10.15 23.43 -8.79
CA THR B 204 -11.34 23.01 -9.53
C THR B 204 -11.26 23.16 -11.04
N ASP B 205 -10.24 23.81 -11.62
CA ASP B 205 -10.19 24.05 -13.07
C ASP B 205 -8.96 23.40 -13.67
N PHE B 206 -9.18 22.46 -14.60
CA PHE B 206 -8.08 21.67 -15.13
C PHE B 206 -8.10 21.73 -16.65
N THR B 207 -6.92 21.67 -17.26
CA THR B 207 -6.86 21.70 -18.71
C THR B 207 -5.83 20.71 -19.22
N LEU B 208 -6.19 19.99 -20.27
CA LEU B 208 -5.23 19.22 -21.05
C LEU B 208 -4.90 20.06 -22.28
N THR B 209 -3.62 20.21 -22.57
CA THR B 209 -3.15 21.00 -23.70
C THR B 209 -2.35 20.10 -24.61
N ILE B 210 -2.70 20.06 -25.89
CA ILE B 210 -1.91 19.33 -26.88
C ILE B 210 -1.25 20.35 -27.79
N SER B 211 0.07 20.30 -27.86
CA SER B 211 0.87 21.38 -28.41
C SER B 211 0.73 21.51 -29.91
N ASN B 212 1.00 20.44 -30.63
CA ASN B 212 1.19 20.54 -32.07
C ASN B 212 0.46 19.33 -32.62
N VAL B 213 -0.87 19.45 -32.69
CA VAL B 213 -1.71 18.26 -32.70
C VAL B 213 -1.51 17.50 -33.99
N GLN B 214 -1.52 16.20 -33.86
CA GLN B 214 -1.26 15.35 -35.02
C GLN B 214 -2.44 14.46 -35.31
N SER B 215 -2.44 13.88 -36.50
CA SER B 215 -3.56 13.02 -36.87
C SER B 215 -3.78 11.92 -35.84
N GLU B 216 -2.70 11.38 -35.27
CA GLU B 216 -2.89 10.28 -34.30
C GLU B 216 -3.47 10.75 -32.98
N ASP B 217 -3.74 12.05 -32.81
CA ASP B 217 -4.40 12.58 -31.62
C ASP B 217 -5.91 12.61 -31.75
N LEU B 218 -6.45 12.26 -32.91
CA LEU B 218 -7.87 12.05 -33.11
C LEU B 218 -8.40 11.06 -32.09
N ALA B 219 -9.22 11.51 -31.15
CA ALA B 219 -9.65 10.69 -30.01
C ALA B 219 -10.65 11.48 -29.18
N GLU B 220 -11.23 10.78 -28.20
CA GLU B 220 -12.01 11.42 -27.15
C GLU B 220 -11.18 11.50 -25.88
N TYR B 221 -11.27 12.62 -25.18
CA TYR B 221 -10.43 12.87 -24.02
C TYR B 221 -11.31 12.99 -22.77
N PHE B 222 -10.90 12.32 -21.69
CA PHE B 222 -11.65 12.25 -20.43
C PHE B 222 -10.77 12.71 -19.27
N CYS B 223 -11.30 13.57 -18.41
CA CYS B 223 -10.63 13.83 -17.13
C CYS B 223 -11.23 12.93 -16.06
N GLN B 224 -10.51 12.76 -14.95
CA GLN B 224 -11.09 12.04 -13.81
C GLN B 224 -10.47 12.57 -12.53
N GLN B 225 -11.25 12.60 -11.44
CA GLN B 225 -10.69 12.90 -10.12
C GLN B 225 -10.59 11.61 -9.32
N TYR B 226 -9.54 11.52 -8.52
CA TYR B 226 -9.39 10.45 -7.54
C TYR B 226 -9.09 11.03 -6.17
N ASN B 227 -9.58 12.25 -5.92
CA ASN B 227 -9.46 12.87 -4.59
C ASN B 227 -10.42 12.25 -3.57
N ASN B 228 -11.60 11.78 -4.00
CA ASN B 228 -12.58 11.17 -3.12
C ASN B 228 -13.31 10.05 -3.85
N TYR B 229 -13.85 9.13 -3.07
CA TYR B 229 -14.78 8.16 -3.62
C TYR B 229 -16.20 8.72 -3.62
N PRO B 230 -17.02 8.35 -4.61
CA PRO B 230 -16.65 7.55 -5.78
C PRO B 230 -15.73 8.32 -6.73
N TRP B 231 -14.77 7.63 -7.35
CA TRP B 231 -14.02 8.24 -8.45
C TRP B 231 -15.03 8.64 -9.54
N THR B 232 -14.81 9.79 -10.16
CA THR B 232 -15.75 10.29 -11.17
C THR B 232 -14.99 10.83 -12.37
N PHE B 233 -15.63 10.73 -13.54
CA PHE B 233 -15.03 11.11 -14.81
C PHE B 233 -15.85 12.24 -15.41
N GLY B 234 -15.17 13.11 -16.15
CA GLY B 234 -15.87 14.04 -17.03
C GLY B 234 -16.57 13.33 -18.17
N GLY B 235 -17.42 14.07 -18.88
CA GLY B 235 -18.22 13.43 -19.91
C GLY B 235 -17.51 13.12 -21.21
N GLY B 236 -16.31 13.63 -21.41
CA GLY B 236 -15.55 13.30 -22.60
C GLY B 236 -15.63 14.41 -23.64
N THR B 237 -14.51 14.69 -24.31
CA THR B 237 -14.48 15.68 -25.37
C THR B 237 -13.83 15.04 -26.59
N LYS B 238 -14.61 14.89 -27.66
CA LYS B 238 -14.12 14.36 -28.91
C LYS B 238 -13.36 15.43 -29.66
N LEU B 239 -12.18 15.07 -30.14
CA LEU B 239 -11.33 15.98 -30.89
C LEU B 239 -11.22 15.48 -32.33
N GLU B 240 -11.72 16.29 -33.27
CA GLU B 240 -11.59 16.00 -34.70
C GLU B 240 -10.49 16.88 -35.29
N ILE B 241 -9.61 16.26 -36.10
CA ILE B 241 -8.39 16.88 -36.61
C ILE B 241 -8.47 16.94 -38.13
N LYS B 242 -8.52 18.15 -38.69
CA LYS B 242 -8.59 18.35 -40.13
C LYS B 242 -7.28 18.91 -40.67
N ALA B 243 -7.10 18.77 -41.99
CA ALA B 243 -5.83 19.11 -42.63
C ALA B 243 -5.46 20.60 -42.50
C1 NAG C . 16.49 -12.09 36.66
C2 NAG C . 18.02 -12.02 36.77
C3 NAG C . 18.59 -13.42 36.98
C4 NAG C . 17.94 -14.07 38.20
C5 NAG C . 16.41 -14.07 38.05
C6 NAG C . 15.69 -14.59 39.26
C7 NAG C . 19.60 -10.50 35.68
C8 NAG C . 20.05 -10.13 37.07
N2 NAG C . 18.62 -11.40 35.60
O3 NAG C . 20.00 -13.33 37.15
O4 NAG C . 18.39 -15.41 38.34
O5 NAG C . 15.94 -12.73 37.83
O6 NAG C . 14.31 -14.72 39.02
O7 NAG C . 20.09 -9.99 34.68
#